data_5OJ5
#
_entry.id   5OJ5
#
_cell.length_a   98.730
_cell.length_b   68.650
_cell.length_c   56.190
_cell.angle_alpha   90.00
_cell.angle_beta   105.90
_cell.angle_gamma   90.00
#
_symmetry.space_group_name_H-M   'C 1 2 1'
#
loop_
_entity.id
_entity.type
_entity.pdbx_description
1 polymer 'Ycf48-like protein'
2 polymer PHE-PRO-LEU-ASP-LEU-ALA
3 water water
#
loop_
_entity_poly.entity_id
_entity_poly.type
_entity_poly.pdbx_seq_one_letter_code
_entity_poly.pdbx_strand_id
1 'polypeptide(L)'
;MFAKQIDIHWQKMKGIKFLHWLLGTVLLWVSLSTPALAIPALDYNPWEAIQLPTTATILDMSFIDRHHGWLVGVNATLME
TRDGGQTWEPRTLVLDHSDYRFNSVSFQGNEGWIVGEPPIMLHTTDGGQSWSQIPLDPKLPGSPRLIKALGNGSAEMITN
VGAIYRTKDSGKNWQALVQEAIGVMRNLNRSPSGEYVAVSSRGSFYSTWEPGQTAWEPHNRTTSRRLHNMGFTPDGRLWM
IVNGGKIAFSDPDNSENWGELLSPLRRNSVGFLDLAYRTPNEVWLAGGAGALLCSQDGGQTWQQDVDVKKVPSNFYKILF
FSPDQGFILGQKGILLRYVTDLTAAPA
;
A
2 'polypeptide(L)' NAHNFPLDLA B
#
# COMPACT_ATOMS: atom_id res chain seq x y z
N LEU A 32 -34.49 -10.20 20.65
CA LEU A 32 -33.92 -10.02 19.32
C LEU A 32 -34.51 -8.77 18.66
N SER A 33 -34.15 -7.61 19.21
CA SER A 33 -34.69 -6.31 18.86
C SER A 33 -33.73 -5.48 18.00
N THR A 34 -32.54 -6.00 17.69
CA THR A 34 -31.62 -5.34 16.79
C THR A 34 -31.06 -6.40 15.86
N PRO A 35 -30.63 -6.02 14.66
CA PRO A 35 -30.12 -7.01 13.70
C PRO A 35 -29.02 -7.90 14.29
N ALA A 36 -29.14 -9.21 14.00
CA ALA A 36 -28.30 -10.22 14.62
C ALA A 36 -26.92 -10.26 13.98
N LEU A 37 -25.89 -10.30 14.82
CA LEU A 37 -24.50 -10.54 14.44
C LEU A 37 -23.83 -9.37 13.70
N ALA A 38 -24.60 -8.34 13.35
CA ALA A 38 -24.07 -7.24 12.55
C ALA A 38 -23.45 -6.15 13.43
N ILE A 39 -22.71 -5.26 12.77
CA ILE A 39 -22.27 -4.02 13.43
C ILE A 39 -23.08 -2.89 12.84
N PRO A 40 -23.09 -1.71 13.47
CA PRO A 40 -23.90 -0.63 12.94
C PRO A 40 -23.41 -0.22 11.57
N ALA A 41 -24.36 0.26 10.75
CA ALA A 41 -24.06 0.80 9.44
C ALA A 41 -23.70 2.27 9.57
N LEU A 42 -22.62 2.65 8.89
CA LEU A 42 -22.22 4.04 8.82
CA LEU A 42 -22.22 4.05 8.83
C LEU A 42 -23.33 4.90 8.23
N ASP A 43 -23.38 6.15 8.66
CA ASP A 43 -24.41 7.10 8.26
C ASP A 43 -24.17 7.75 6.90
N TYR A 44 -22.94 7.72 6.39
CA TYR A 44 -22.65 8.34 5.11
C TYR A 44 -21.59 7.50 4.41
N ASN A 45 -21.79 7.24 3.12
CA ASN A 45 -20.80 6.53 2.34
C ASN A 45 -20.04 7.54 1.50
N PRO A 46 -18.76 7.81 1.78
CA PRO A 46 -17.99 8.78 1.01
C PRO A 46 -17.34 8.18 -0.23
N TRP A 47 -17.50 6.90 -0.48
CA TRP A 47 -16.72 6.23 -1.52
C TRP A 47 -17.56 6.07 -2.77
N GLU A 48 -17.07 6.60 -3.86
CA GLU A 48 -17.71 6.42 -5.15
C GLU A 48 -16.93 5.40 -5.98
N ALA A 49 -17.61 4.43 -6.55
CA ALA A 49 -16.99 3.40 -7.34
C ALA A 49 -16.74 3.91 -8.76
N ILE A 50 -15.54 3.70 -9.25
CA ILE A 50 -15.09 4.04 -10.60
C ILE A 50 -14.61 2.76 -11.25
N GLN A 51 -14.99 2.58 -12.51
CA GLN A 51 -14.39 1.54 -13.33
C GLN A 51 -13.33 2.18 -14.22
N LEU A 52 -12.07 1.82 -14.00
CA LEU A 52 -11.02 2.30 -14.87
C LEU A 52 -11.15 1.64 -16.24
N PRO A 53 -10.52 2.23 -17.26
CA PRO A 53 -10.55 1.64 -18.62
C PRO A 53 -9.53 0.51 -18.77
N THR A 54 -9.67 -0.50 -17.93
CA THR A 54 -8.84 -1.69 -17.89
C THR A 54 -9.55 -2.73 -17.06
N THR A 55 -9.15 -4.00 -17.21
CA THR A 55 -9.50 -5.01 -16.21
C THR A 55 -8.27 -5.53 -15.50
N ALA A 56 -7.10 -4.89 -15.69
CA ALA A 56 -5.91 -5.27 -14.96
C ALA A 56 -5.98 -4.79 -13.51
N THR A 57 -5.42 -5.58 -12.61
CA THR A 57 -5.31 -5.16 -11.22
C THR A 57 -4.35 -3.99 -11.05
N ILE A 58 -4.83 -2.95 -10.37
CA ILE A 58 -4.03 -1.80 -10.01
C ILE A 58 -3.32 -2.05 -8.68
N LEU A 59 -2.05 -1.68 -8.61
CA LEU A 59 -1.22 -1.97 -7.45
C LEU A 59 -0.79 -0.75 -6.66
N ASP A 60 -0.67 0.42 -7.27
CA ASP A 60 -0.19 1.59 -6.54
C ASP A 60 -0.60 2.85 -7.25
N MET A 61 -0.50 3.98 -6.53
CA MET A 61 -0.90 5.29 -7.02
CA MET A 61 -0.88 5.29 -7.05
C MET A 61 -0.09 6.34 -6.30
N SER A 62 0.25 7.42 -7.01
CA SER A 62 0.97 8.55 -6.40
C SER A 62 0.63 9.82 -7.14
N PHE A 63 0.55 10.94 -6.41
CA PHE A 63 0.20 12.22 -6.96
C PHE A 63 1.40 13.17 -6.99
N ILE A 64 1.49 13.94 -8.06
CA ILE A 64 2.39 15.09 -8.15
C ILE A 64 1.87 16.24 -7.31
N ASP A 65 0.59 16.52 -7.44
CA ASP A 65 -0.07 17.60 -6.73
C ASP A 65 -1.51 17.16 -6.54
N ARG A 66 -2.38 18.07 -6.13
CA ARG A 66 -3.74 17.67 -5.81
C ARG A 66 -4.48 17.10 -7.04
N HIS A 67 -4.14 17.54 -8.24
CA HIS A 67 -4.90 17.16 -9.42
C HIS A 67 -4.24 16.15 -10.32
N HIS A 68 -2.92 16.14 -10.34
CA HIS A 68 -2.17 15.39 -11.33
C HIS A 68 -1.52 14.19 -10.66
N GLY A 69 -1.85 12.99 -11.12
CA GLY A 69 -1.31 11.80 -10.53
C GLY A 69 -1.28 10.64 -11.48
N TRP A 70 -0.72 9.53 -11.00
CA TRP A 70 -0.45 8.33 -11.79
C TRP A 70 -0.81 7.09 -10.98
N LEU A 71 -1.25 6.06 -11.68
CA LEU A 71 -1.45 4.75 -11.07
C LEU A 71 -0.77 3.70 -11.97
N VAL A 72 -0.43 2.58 -11.33
CA VAL A 72 0.30 1.53 -12.01
C VAL A 72 -0.25 0.17 -11.57
N GLY A 73 -0.01 -0.85 -12.40
CA GLY A 73 -0.38 -2.20 -11.99
C GLY A 73 0.14 -3.26 -12.90
N VAL A 74 -0.64 -4.34 -12.95
N VAL A 74 -0.57 -4.38 -12.93
CA VAL A 74 -0.29 -5.56 -13.67
CA VAL A 74 -0.10 -5.54 -13.68
C VAL A 74 -0.29 -5.30 -15.17
C VAL A 74 -0.19 -5.26 -15.17
N ASN A 75 0.50 -6.10 -15.92
CA ASN A 75 0.59 -5.98 -17.37
C ASN A 75 1.02 -4.60 -17.81
N ALA A 76 1.99 -4.06 -17.08
CA ALA A 76 2.60 -2.78 -17.41
C ALA A 76 1.57 -1.69 -17.49
N THR A 77 0.52 -1.78 -16.66
CA THR A 77 -0.52 -0.77 -16.67
C THR A 77 -0.04 0.53 -16.06
N LEU A 78 -0.32 1.64 -16.73
CA LEU A 78 0.08 2.97 -16.33
C LEU A 78 -1.05 3.89 -16.73
N MET A 79 -1.59 4.70 -15.81
CA MET A 79 -2.63 5.67 -16.17
C MET A 79 -2.37 6.98 -15.47
N GLU A 80 -2.82 8.06 -16.11
CA GLU A 80 -2.59 9.42 -15.65
C GLU A 80 -3.94 10.10 -15.42
N THR A 81 -4.04 10.89 -14.35
CA THR A 81 -5.18 11.78 -14.11
C THR A 81 -4.70 13.21 -14.05
N ARG A 82 -5.58 14.12 -14.48
CA ARG A 82 -5.37 15.56 -14.31
C ARG A 82 -6.48 16.21 -13.53
N ASP A 83 -7.45 15.44 -13.05
CA ASP A 83 -8.61 15.99 -12.35
C ASP A 83 -8.78 15.40 -10.96
N GLY A 84 -7.65 15.06 -10.33
CA GLY A 84 -7.73 14.56 -8.97
C GLY A 84 -8.13 13.13 -8.85
N GLY A 85 -8.14 12.39 -9.95
CA GLY A 85 -8.49 10.98 -9.95
C GLY A 85 -9.93 10.68 -10.24
N GLN A 86 -10.69 11.65 -10.74
CA GLN A 86 -12.02 11.33 -11.27
C GLN A 86 -11.95 10.58 -12.58
N THR A 87 -10.99 10.93 -13.45
CA THR A 87 -10.86 10.29 -14.76
C THR A 87 -9.38 9.98 -14.97
N TRP A 88 -9.15 8.86 -15.64
CA TRP A 88 -7.82 8.31 -15.83
C TRP A 88 -7.64 7.94 -17.29
N GLU A 89 -6.47 8.26 -17.81
CA GLU A 89 -6.13 7.99 -19.21
CA GLU A 89 -6.15 7.96 -19.20
C GLU A 89 -5.01 6.97 -19.28
N PRO A 90 -5.16 5.85 -20.00
CA PRO A 90 -4.08 4.88 -20.11
C PRO A 90 -2.92 5.46 -20.92
N ARG A 91 -1.72 5.05 -20.51
CA ARG A 91 -0.48 5.34 -21.21
C ARG A 91 0.24 4.01 -21.42
N THR A 92 0.61 3.68 -22.63
CA THR A 92 1.30 2.41 -22.87
C THR A 92 2.71 2.74 -23.26
N LEU A 93 3.68 2.41 -22.44
CA LEU A 93 5.06 2.62 -22.83
C LEU A 93 5.52 1.50 -23.77
N VAL A 94 6.33 1.87 -24.75
CA VAL A 94 6.83 0.90 -25.70
C VAL A 94 8.07 0.28 -25.06
N LEU A 95 7.85 -0.73 -24.26
CA LEU A 95 8.86 -1.50 -23.54
C LEU A 95 9.17 -2.75 -24.33
N ASP A 96 10.13 -3.54 -23.84
CA ASP A 96 10.41 -4.79 -24.54
C ASP A 96 9.27 -5.81 -24.46
N HIS A 97 8.48 -5.79 -23.40
CA HIS A 97 7.30 -6.65 -23.31
C HIS A 97 6.37 -5.95 -22.33
N SER A 98 5.15 -6.48 -22.19
CA SER A 98 4.18 -5.91 -21.27
C SER A 98 3.86 -6.82 -20.11
N ASP A 99 4.67 -7.83 -19.83
CA ASP A 99 4.37 -8.72 -18.72
C ASP A 99 4.79 -8.16 -17.35
N TYR A 100 5.37 -6.97 -17.30
CA TYR A 100 5.84 -6.39 -16.04
C TYR A 100 4.70 -6.14 -15.07
N ARG A 101 4.93 -6.50 -13.84
CA ARG A 101 4.05 -6.13 -12.73
C ARG A 101 4.63 -4.87 -12.15
N PHE A 102 3.97 -3.70 -12.38
CA PHE A 102 4.43 -2.46 -11.80
C PHE A 102 3.90 -2.39 -10.38
N ASN A 103 4.79 -2.60 -9.41
CA ASN A 103 4.47 -2.79 -8.02
C ASN A 103 4.32 -1.48 -7.26
N SER A 104 4.99 -0.41 -7.73
CA SER A 104 5.15 0.77 -6.89
C SER A 104 5.38 1.96 -7.80
N VAL A 105 4.74 3.08 -7.46
CA VAL A 105 4.97 4.36 -8.12
C VAL A 105 5.08 5.41 -7.02
N SER A 106 6.01 6.36 -7.19
CA SER A 106 6.18 7.40 -6.18
C SER A 106 6.66 8.66 -6.83
N PHE A 107 5.97 9.76 -6.56
CA PHE A 107 6.38 11.10 -6.99
C PHE A 107 6.71 11.95 -5.78
N GLN A 108 7.65 12.86 -6.00
CA GLN A 108 7.88 14.00 -5.11
C GLN A 108 7.93 15.20 -6.06
N GLY A 109 6.85 15.94 -6.11
CA GLY A 109 6.73 16.94 -7.19
C GLY A 109 6.77 16.26 -8.54
N ASN A 110 7.45 16.88 -9.51
CA ASN A 110 7.49 16.34 -10.86
C ASN A 110 8.46 15.17 -11.03
N GLU A 111 9.23 14.80 -9.99
CA GLU A 111 10.12 13.66 -10.08
C GLU A 111 9.37 12.39 -9.66
N GLY A 112 9.33 11.40 -10.54
CA GLY A 112 8.61 10.19 -10.28
C GLY A 112 9.41 8.95 -10.66
N TRP A 113 9.02 7.86 -10.01
CA TRP A 113 9.70 6.58 -10.17
C TRP A 113 8.66 5.47 -10.19
N ILE A 114 8.89 4.46 -11.01
CA ILE A 114 8.09 3.23 -11.02
C ILE A 114 9.06 2.06 -10.95
N VAL A 115 8.73 1.04 -10.15
CA VAL A 115 9.50 -0.19 -10.19
C VAL A 115 8.58 -1.38 -10.32
N GLY A 116 9.13 -2.48 -10.81
CA GLY A 116 8.36 -3.67 -10.98
C GLY A 116 9.20 -4.90 -11.18
N GLU A 117 8.47 -5.99 -11.44
CA GLU A 117 9.05 -7.32 -11.63
C GLU A 117 8.50 -7.94 -12.91
N PRO A 118 9.33 -8.64 -13.71
CA PRO A 118 10.77 -8.79 -13.54
C PRO A 118 11.45 -7.42 -13.55
N PRO A 119 12.69 -7.34 -13.07
CA PRO A 119 13.24 -6.05 -12.66
C PRO A 119 13.11 -4.99 -13.72
N ILE A 120 12.50 -3.88 -13.32
CA ILE A 120 12.37 -2.70 -14.16
C ILE A 120 12.27 -1.51 -13.25
N MET A 121 12.86 -0.41 -13.73
CA MET A 121 12.77 0.89 -13.07
C MET A 121 12.59 1.95 -14.14
N LEU A 122 11.59 2.80 -13.94
CA LEU A 122 11.30 3.94 -14.81
C LEU A 122 11.38 5.21 -13.99
N HIS A 123 11.77 6.29 -14.65
CA HIS A 123 12.01 7.56 -13.99
C HIS A 123 11.53 8.70 -14.88
N THR A 124 11.02 9.74 -14.25
CA THR A 124 10.62 10.97 -14.92
C THR A 124 11.03 12.16 -14.07
N THR A 125 11.33 13.26 -14.73
CA THR A 125 11.54 14.53 -14.05
C THR A 125 10.53 15.58 -14.47
N ASP A 126 9.56 15.24 -15.30
CA ASP A 126 8.61 16.23 -15.80
C ASP A 126 7.17 15.81 -15.56
N GLY A 127 6.93 15.13 -14.45
CA GLY A 127 5.57 14.78 -14.12
C GLY A 127 5.02 13.65 -14.97
N GLY A 128 5.90 12.81 -15.53
CA GLY A 128 5.47 11.71 -16.34
C GLY A 128 5.15 12.04 -17.77
N GLN A 129 5.51 13.24 -18.23
CA GLN A 129 5.35 13.52 -19.66
C GLN A 129 6.40 12.80 -20.49
N SER A 130 7.56 12.51 -19.91
CA SER A 130 8.53 11.64 -20.54
C SER A 130 9.08 10.72 -19.46
N TRP A 131 9.19 9.46 -19.80
CA TRP A 131 9.73 8.45 -18.92
C TRP A 131 10.96 7.84 -19.57
N SER A 132 11.94 7.51 -18.75
CA SER A 132 13.12 6.78 -19.17
C SER A 132 13.26 5.54 -18.31
N GLN A 133 13.84 4.53 -18.90
CA GLN A 133 14.16 3.30 -18.19
C GLN A 133 15.56 3.42 -17.61
N ILE A 134 15.70 3.14 -16.33
CA ILE A 134 16.96 3.14 -15.64
C ILE A 134 17.45 1.70 -15.54
N PRO A 135 18.60 1.37 -16.10
CA PRO A 135 19.10 0.00 -15.99
C PRO A 135 19.36 -0.35 -14.54
N LEU A 136 18.92 -1.53 -14.15
CA LEU A 136 19.17 -2.05 -12.81
C LEU A 136 20.36 -3.02 -12.84
N ASP A 137 21.18 -2.94 -11.82
CA ASP A 137 22.26 -3.90 -11.65
C ASP A 137 21.71 -5.31 -11.57
N PRO A 138 22.20 -6.26 -12.40
CA PRO A 138 21.67 -7.62 -12.32
C PRO A 138 21.97 -8.29 -10.99
N LYS A 139 22.89 -7.77 -10.18
CA LYS A 139 23.20 -8.33 -8.88
C LYS A 139 22.26 -7.88 -7.75
N LEU A 140 21.27 -7.04 -8.06
N LEU A 140 21.27 -7.05 -8.04
CA LEU A 140 20.20 -6.75 -7.14
CA LEU A 140 20.28 -6.74 -7.02
C LEU A 140 19.59 -8.05 -6.60
C LEU A 140 19.62 -8.03 -6.55
N PRO A 141 19.52 -8.25 -5.25
CA PRO A 141 18.91 -9.49 -4.75
C PRO A 141 17.41 -9.36 -4.73
N GLY A 142 16.72 -10.14 -5.57
CA GLY A 142 15.29 -10.05 -5.73
C GLY A 142 14.93 -8.90 -6.65
N SER A 143 13.71 -8.79 -6.91
CA SER A 143 13.18 -7.77 -7.79
CA SER A 143 13.12 -7.79 -7.79
C SER A 143 12.66 -6.60 -6.97
N PRO A 144 12.58 -5.43 -7.58
CA PRO A 144 12.04 -4.27 -6.86
C PRO A 144 10.61 -4.47 -6.39
N ARG A 145 10.36 -4.10 -5.15
CA ARG A 145 9.05 -4.15 -4.55
C ARG A 145 8.47 -2.76 -4.27
N LEU A 146 9.32 -1.82 -3.84
CA LEU A 146 8.85 -0.51 -3.41
C LEU A 146 9.89 0.50 -3.81
N ILE A 147 9.43 1.66 -4.27
CA ILE A 147 10.31 2.82 -4.45
C ILE A 147 9.65 3.99 -3.77
N LYS A 148 10.47 4.83 -3.14
CA LYS A 148 10.01 6.04 -2.49
C LYS A 148 10.83 7.21 -3.02
N ALA A 149 10.14 8.17 -3.64
CA ALA A 149 10.78 9.38 -4.13
C ALA A 149 11.05 10.31 -2.95
N LEU A 150 12.30 10.78 -2.83
CA LEU A 150 12.66 11.74 -1.79
C LEU A 150 12.83 13.14 -2.34
N GLY A 151 12.74 13.31 -3.65
CA GLY A 151 12.91 14.60 -4.30
C GLY A 151 14.37 14.86 -4.63
N ASN A 152 14.54 15.76 -5.60
CA ASN A 152 15.83 16.31 -5.92
C ASN A 152 16.86 15.26 -6.19
N GLY A 153 16.48 14.18 -6.91
CA GLY A 153 17.42 13.17 -7.33
C GLY A 153 17.59 12.01 -6.38
N SER A 154 16.93 12.03 -5.23
CA SER A 154 17.10 10.97 -4.25
C SER A 154 15.87 10.05 -4.21
N ALA A 155 16.13 8.78 -3.94
CA ALA A 155 15.05 7.80 -3.80
C ALA A 155 15.57 6.62 -3.02
N GLU A 156 14.66 5.87 -2.42
CA GLU A 156 14.98 4.60 -1.78
C GLU A 156 14.17 3.49 -2.38
N MET A 157 14.80 2.33 -2.49
N MET A 157 14.76 2.32 -2.49
CA MET A 157 14.19 1.15 -3.11
CA MET A 157 14.08 1.19 -3.09
C MET A 157 14.36 -0.06 -2.18
C MET A 157 14.36 -0.06 -2.26
N ILE A 158 13.32 -0.86 -2.10
CA ILE A 158 13.38 -2.12 -1.36
C ILE A 158 13.01 -3.24 -2.31
N THR A 159 13.78 -4.33 -2.26
CA THR A 159 13.44 -5.50 -3.08
C THR A 159 12.45 -6.39 -2.39
N ASN A 160 11.96 -7.39 -3.15
CA ASN A 160 10.98 -8.32 -2.62
C ASN A 160 11.49 -9.16 -1.45
N VAL A 161 12.81 -9.25 -1.26
CA VAL A 161 13.41 -9.96 -0.16
C VAL A 161 14.07 -9.01 0.83
N GLY A 162 13.70 -7.71 0.79
CA GLY A 162 14.09 -6.81 1.83
C GLY A 162 15.46 -6.19 1.70
N ALA A 163 16.13 -6.31 0.54
CA ALA A 163 17.37 -5.54 0.37
C ALA A 163 16.98 -4.08 0.13
N ILE A 164 17.72 -3.16 0.76
CA ILE A 164 17.37 -1.75 0.77
C ILE A 164 18.51 -0.96 0.17
N TYR A 165 18.21 -0.09 -0.79
CA TYR A 165 19.17 0.73 -1.50
C TYR A 165 18.69 2.18 -1.54
N ARG A 166 19.65 3.09 -1.65
CA ARG A 166 19.33 4.49 -1.83
C ARG A 166 20.17 5.09 -2.94
N THR A 167 19.57 5.97 -3.73
CA THR A 167 20.28 6.79 -4.70
C THR A 167 20.17 8.25 -4.28
N LYS A 168 21.20 9.01 -4.62
CA LYS A 168 21.19 10.46 -4.47
C LYS A 168 21.45 11.13 -5.81
N ASP A 169 21.63 10.36 -6.89
CA ASP A 169 22.02 10.93 -8.17
C ASP A 169 21.11 10.42 -9.29
N SER A 170 19.82 10.41 -8.99
CA SER A 170 18.80 10.13 -10.01
C SER A 170 18.92 8.71 -10.57
N GLY A 171 19.40 7.78 -9.75
CA GLY A 171 19.44 6.38 -10.10
C GLY A 171 20.69 5.94 -10.83
N LYS A 172 21.70 6.81 -10.99
CA LYS A 172 22.95 6.40 -11.62
C LYS A 172 23.72 5.45 -10.71
N ASN A 173 23.73 5.73 -9.41
CA ASN A 173 24.41 4.89 -8.44
C ASN A 173 23.51 4.63 -7.25
N TRP A 174 23.65 3.45 -6.68
CA TRP A 174 22.85 3.00 -5.56
C TRP A 174 23.78 2.55 -4.46
N GLN A 175 23.51 2.98 -3.25
CA GLN A 175 24.23 2.53 -2.07
C GLN A 175 23.37 1.49 -1.37
N ALA A 176 23.98 0.38 -1.04
CA ALA A 176 23.32 -0.66 -0.28
C ALA A 176 23.23 -0.26 1.19
N LEU A 177 22.04 -0.21 1.72
CA LEU A 177 21.81 0.01 3.13
C LEU A 177 21.60 -1.29 3.87
N VAL A 178 20.91 -2.24 3.24
CA VAL A 178 20.70 -3.57 3.82
C VAL A 178 20.88 -4.56 2.69
N GLN A 179 21.81 -5.51 2.87
CA GLN A 179 22.03 -6.59 1.91
C GLN A 179 21.66 -7.94 2.47
N GLU A 180 21.26 -8.03 3.74
CA GLU A 180 20.91 -9.32 4.35
C GLU A 180 19.44 -9.57 4.05
N ALA A 181 19.18 -10.41 3.05
CA ALA A 181 17.81 -10.69 2.61
C ALA A 181 17.05 -11.47 3.67
N ILE A 182 15.72 -11.27 3.68
CA ILE A 182 14.80 -11.83 4.68
C ILE A 182 13.67 -12.69 4.11
N GLY A 183 13.83 -13.22 2.92
CA GLY A 183 12.75 -13.99 2.31
C GLY A 183 11.69 -13.07 1.76
N VAL A 184 10.77 -13.65 1.00
CA VAL A 184 9.79 -12.83 0.26
C VAL A 184 8.77 -12.29 1.22
N MET A 185 8.72 -10.98 1.35
CA MET A 185 7.82 -10.35 2.31
C MET A 185 6.37 -10.48 1.86
N ARG A 186 5.49 -10.79 2.79
CA ARG A 186 4.07 -10.84 2.55
C ARG A 186 3.47 -9.44 2.38
N ASN A 187 4.01 -8.45 3.07
CA ASN A 187 3.54 -7.08 3.03
C ASN A 187 4.67 -6.21 3.56
N LEU A 188 4.64 -4.94 3.18
CA LEU A 188 5.67 -3.97 3.50
C LEU A 188 5.01 -2.61 3.62
N ASN A 189 5.31 -1.87 4.69
CA ASN A 189 4.79 -0.51 4.82
C ASN A 189 5.86 0.39 5.40
N ARG A 190 5.73 1.68 5.14
CA ARG A 190 6.71 2.70 5.48
C ARG A 190 6.10 3.73 6.43
N SER A 191 6.90 4.24 7.36
CA SER A 191 6.46 5.30 8.27
C SER A 191 6.89 6.67 7.71
N PRO A 192 6.39 7.76 8.28
CA PRO A 192 6.79 9.12 7.85
C PRO A 192 8.26 9.39 8.04
N SER A 193 8.90 8.75 8.98
CA SER A 193 10.30 8.97 9.18
C SER A 193 11.16 7.94 8.52
N GLY A 194 10.58 7.13 7.62
CA GLY A 194 11.41 6.25 6.82
C GLY A 194 11.71 4.93 7.48
N GLU A 195 10.96 4.57 8.53
CA GLU A 195 11.02 3.21 9.06
CA GLU A 195 11.03 3.20 9.04
C GLU A 195 10.16 2.29 8.19
N TYR A 196 10.49 1.01 8.19
CA TYR A 196 9.68 0.02 7.47
C TYR A 196 9.33 -1.12 8.40
N VAL A 197 8.18 -1.74 8.08
CA VAL A 197 7.73 -2.97 8.73
C VAL A 197 7.34 -3.95 7.66
N ALA A 198 7.81 -5.19 7.79
CA ALA A 198 7.60 -6.23 6.80
C ALA A 198 7.08 -7.49 7.48
N VAL A 199 6.03 -8.06 6.94
CA VAL A 199 5.48 -9.32 7.44
C VAL A 199 6.18 -10.47 6.72
N SER A 200 6.57 -11.51 7.47
CA SER A 200 7.26 -12.66 6.88
C SER A 200 6.31 -13.41 5.93
N SER A 201 6.91 -14.27 5.07
CA SER A 201 6.18 -14.83 3.93
CA SER A 201 6.16 -14.79 3.94
C SER A 201 4.87 -15.47 4.35
N ARG A 202 4.90 -16.30 5.39
CA ARG A 202 3.74 -17.05 5.85
C ARG A 202 3.16 -16.45 7.11
N GLY A 203 3.53 -15.22 7.43
CA GLY A 203 2.97 -14.53 8.58
C GLY A 203 3.39 -15.07 9.92
N SER A 204 4.49 -15.82 10.01
CA SER A 204 4.93 -16.31 11.31
CA SER A 204 4.86 -16.31 11.32
C SER A 204 5.43 -15.22 12.21
N PHE A 205 6.05 -14.17 11.63
CA PHE A 205 6.64 -13.10 12.40
C PHE A 205 6.73 -11.85 11.53
N TYR A 206 7.29 -10.76 12.08
CA TYR A 206 7.49 -9.55 11.31
C TYR A 206 8.88 -9.03 11.59
N SER A 207 9.29 -8.08 10.76
CA SER A 207 10.60 -7.47 10.90
C SER A 207 10.47 -5.97 10.74
N THR A 208 11.35 -5.22 11.40
CA THR A 208 11.41 -3.77 11.28
C THR A 208 12.80 -3.30 10.88
N TRP A 209 12.84 -2.15 10.24
CA TRP A 209 14.12 -1.53 9.90
C TRP A 209 13.98 -0.04 10.02
N GLU A 210 15.03 0.62 10.49
CA GLU A 210 15.10 2.07 10.44
C GLU A 210 16.49 2.48 10.02
N PRO A 211 16.62 3.69 9.45
CA PRO A 211 17.93 4.18 9.00
C PRO A 211 18.94 4.04 10.11
N GLY A 212 20.14 3.62 9.73
CA GLY A 212 21.19 3.36 10.66
C GLY A 212 21.37 1.90 10.98
N GLN A 213 20.30 1.12 10.89
CA GLN A 213 20.39 -0.30 11.14
C GLN A 213 21.03 -0.98 9.93
N THR A 214 21.84 -2.00 10.16
CA THR A 214 22.43 -2.69 9.02
C THR A 214 21.66 -3.93 8.59
N ALA A 215 20.62 -4.32 9.31
CA ALA A 215 19.83 -5.49 8.98
C ALA A 215 18.45 -5.25 9.56
N TRP A 216 17.49 -6.00 9.04
CA TRP A 216 16.15 -6.00 9.64
C TRP A 216 16.22 -6.65 11.03
N GLU A 217 15.33 -6.23 11.90
CA GLU A 217 15.19 -6.81 13.23
C GLU A 217 13.93 -7.65 13.28
N PRO A 218 14.01 -8.96 13.52
CA PRO A 218 12.80 -9.80 13.60
C PRO A 218 12.12 -9.66 14.95
N HIS A 219 10.82 -9.83 14.94
CA HIS A 219 9.97 -9.76 16.13
C HIS A 219 8.96 -10.91 16.03
N ASN A 220 8.71 -11.54 17.19
N ASN A 220 8.80 -11.71 17.08
CA ASN A 220 7.67 -12.56 17.30
CA ASN A 220 7.76 -12.75 16.97
C ASN A 220 6.29 -11.99 16.96
C ASN A 220 6.37 -12.12 16.97
N ARG A 221 5.45 -12.80 16.32
CA ARG A 221 4.03 -12.42 16.34
C ARG A 221 3.47 -12.61 17.75
N THR A 222 2.33 -11.98 18.00
CA THR A 222 1.76 -11.94 19.33
C THR A 222 0.37 -12.56 19.35
N THR A 223 -0.01 -13.25 18.28
CA THR A 223 -1.24 -14.02 18.21
C THR A 223 -0.93 -15.36 17.62
N SER A 224 -1.75 -16.36 17.96
N SER A 224 -1.74 -16.37 17.97
CA SER A 224 -1.67 -17.66 17.30
CA SER A 224 -1.62 -17.64 17.27
C SER A 224 -1.96 -17.53 15.81
C SER A 224 -1.92 -17.48 15.78
N ARG A 225 -2.97 -16.73 15.46
CA ARG A 225 -3.32 -16.45 14.07
C ARG A 225 -2.11 -15.81 13.37
N ARG A 226 -1.86 -16.21 12.12
CA ARG A 226 -0.74 -15.65 11.38
C ARG A 226 -1.00 -14.19 11.00
N LEU A 227 0.11 -13.44 10.92
CA LEU A 227 0.05 -12.07 10.47
C LEU A 227 -0.25 -12.00 8.99
N HIS A 228 -1.05 -11.01 8.61
CA HIS A 228 -1.29 -10.72 7.22
CA HIS A 228 -1.28 -10.74 7.21
C HIS A 228 -0.68 -9.41 6.75
N ASN A 229 -0.88 -8.34 7.51
CA ASN A 229 -0.40 -7.01 7.12
C ASN A 229 -0.10 -6.22 8.38
N MET A 230 0.81 -5.26 8.24
CA MET A 230 1.18 -4.37 9.36
C MET A 230 1.55 -3.03 8.78
N GLY A 231 1.36 -1.98 9.60
CA GLY A 231 1.75 -0.63 9.21
C GLY A 231 1.83 0.27 10.40
N PHE A 232 1.92 1.57 10.12
CA PHE A 232 2.11 2.57 11.14
C PHE A 232 0.88 3.41 11.33
N THR A 233 0.61 3.81 12.57
CA THR A 233 -0.45 4.78 12.84
C THR A 233 0.10 6.18 12.72
N PRO A 234 -0.73 7.23 12.75
CA PRO A 234 -0.23 8.60 12.71
C PRO A 234 0.19 9.14 14.06
N ASP A 235 0.36 8.27 15.04
CA ASP A 235 0.79 8.69 16.36
C ASP A 235 1.93 7.82 16.87
N GLY A 236 2.64 7.13 16.00
CA GLY A 236 3.86 6.48 16.41
C GLY A 236 3.69 5.06 16.89
N ARG A 237 2.58 4.42 16.60
CA ARG A 237 2.34 3.02 16.92
C ARG A 237 2.33 2.19 15.64
N LEU A 238 2.29 0.88 15.83
CA LEU A 238 2.05 -0.09 14.78
C LEU A 238 0.64 -0.63 14.88
N TRP A 239 0.12 -1.05 13.72
CA TRP A 239 -1.10 -1.83 13.66
C TRP A 239 -0.78 -3.15 12.96
N MET A 240 -1.62 -4.16 13.24
CA MET A 240 -1.56 -5.43 12.55
C MET A 240 -2.94 -5.91 12.18
N ILE A 241 -3.01 -6.58 11.04
CA ILE A 241 -4.13 -7.42 10.61
C ILE A 241 -3.66 -8.85 10.66
N VAL A 242 -4.43 -9.72 11.34
CA VAL A 242 -4.11 -11.14 11.42
C VAL A 242 -5.23 -11.94 10.79
N ASN A 243 -4.91 -13.19 10.47
N ASN A 243 -4.91 -13.22 10.52
CA ASN A 243 -5.84 -14.03 9.74
CA ASN A 243 -5.84 -14.14 9.89
C ASN A 243 -7.13 -14.24 10.53
C ASN A 243 -7.19 -14.13 10.59
N GLY A 244 -8.24 -14.25 9.81
CA GLY A 244 -9.54 -14.45 10.38
C GLY A 244 -10.22 -13.20 10.83
N GLY A 245 -9.82 -12.06 10.31
CA GLY A 245 -10.57 -10.83 10.49
C GLY A 245 -10.31 -10.16 11.82
N LYS A 246 -9.08 -10.21 12.32
CA LYS A 246 -8.78 -9.58 13.59
C LYS A 246 -7.67 -8.53 13.41
N ILE A 247 -7.66 -7.55 14.30
CA ILE A 247 -6.66 -6.48 14.26
C ILE A 247 -6.17 -6.17 15.67
N ALA A 248 -5.00 -5.52 15.76
CA ALA A 248 -4.48 -5.04 17.04
C ALA A 248 -3.55 -3.86 16.82
N PHE A 249 -3.29 -3.12 17.90
CA PHE A 249 -2.44 -1.95 17.89
C PHE A 249 -1.39 -2.08 18.98
N SER A 250 -0.19 -1.57 18.70
CA SER A 250 0.88 -1.65 19.67
C SER A 250 0.69 -0.64 20.80
N ASP A 251 1.30 -0.94 21.94
N ASP A 251 1.32 -0.94 21.93
CA ASP A 251 1.13 -0.11 23.13
CA ASP A 251 1.25 -0.13 23.15
C ASP A 251 1.97 1.16 22.98
C ASP A 251 1.99 1.18 22.92
N PRO A 252 1.42 2.32 23.31
CA PRO A 252 2.19 3.57 23.15
C PRO A 252 3.51 3.60 23.88
N ASP A 253 3.64 2.88 24.99
CA ASP A 253 4.85 2.91 25.80
C ASP A 253 5.91 1.91 25.37
N ASN A 254 5.55 0.95 24.50
CA ASN A 254 6.48 -0.10 24.14
C ASN A 254 5.92 -0.74 22.87
N SER A 255 6.54 -0.41 21.73
CA SER A 255 6.02 -0.85 20.44
C SER A 255 6.14 -2.35 20.23
N GLU A 256 6.85 -3.06 21.10
CA GLU A 256 6.85 -4.51 21.01
C GLU A 256 5.77 -5.16 21.87
N ASN A 257 5.03 -4.37 22.65
CA ASN A 257 3.86 -4.85 23.38
C ASN A 257 2.59 -4.51 22.60
N TRP A 258 1.62 -5.40 22.65
CA TRP A 258 0.48 -5.33 21.77
C TRP A 258 -0.78 -5.40 22.62
N GLY A 259 -1.80 -4.68 22.18
CA GLY A 259 -3.08 -4.60 22.85
C GLY A 259 -3.99 -5.77 22.55
N GLU A 260 -5.24 -5.65 23.00
CA GLU A 260 -6.24 -6.69 22.80
C GLU A 260 -6.50 -6.95 21.32
N LEU A 261 -6.80 -8.19 21.02
CA LEU A 261 -7.15 -8.58 19.67
C LEU A 261 -8.60 -8.18 19.41
N LEU A 262 -8.83 -7.31 18.44
CA LEU A 262 -10.14 -6.77 18.12
C LEU A 262 -10.74 -7.51 16.94
N SER A 263 -12.07 -7.63 16.96
N SER A 263 -12.08 -7.59 16.93
CA SER A 263 -12.84 -8.25 15.88
CA SER A 263 -12.81 -8.26 15.87
C SER A 263 -13.78 -7.18 15.36
C SER A 263 -13.81 -7.27 15.29
N PRO A 264 -13.35 -6.41 14.36
CA PRO A 264 -14.21 -5.32 13.86
C PRO A 264 -15.55 -5.77 13.32
N LEU A 265 -15.64 -6.95 12.70
CA LEU A 265 -16.90 -7.49 12.17
C LEU A 265 -17.45 -8.61 13.04
N ARG A 266 -16.98 -8.72 14.27
CA ARG A 266 -17.52 -9.72 15.21
C ARG A 266 -17.56 -11.15 14.62
N ARG A 267 -16.64 -11.49 13.72
CA ARG A 267 -16.66 -12.82 13.11
C ARG A 267 -15.32 -13.08 12.47
N ASN A 268 -15.09 -14.35 12.11
CA ASN A 268 -13.83 -14.83 11.57
C ASN A 268 -13.88 -15.06 10.06
N SER A 269 -15.06 -14.95 9.44
CA SER A 269 -15.21 -15.38 8.07
C SER A 269 -14.61 -14.41 7.06
N VAL A 270 -14.47 -13.13 7.42
CA VAL A 270 -14.06 -12.12 6.46
C VAL A 270 -12.67 -11.62 6.82
N GLY A 271 -11.76 -11.72 5.89
CA GLY A 271 -10.42 -11.29 6.11
C GLY A 271 -10.27 -9.83 5.73
N PHE A 272 -9.37 -9.17 6.43
CA PHE A 272 -9.03 -7.80 6.08
C PHE A 272 -7.70 -7.77 5.35
N LEU A 273 -7.51 -6.71 4.55
CA LEU A 273 -6.38 -6.60 3.66
C LEU A 273 -5.56 -5.36 3.94
N ASP A 274 -6.18 -4.22 4.31
CA ASP A 274 -5.43 -2.99 4.54
C ASP A 274 -6.18 -2.14 5.54
N LEU A 275 -5.41 -1.26 6.19
CA LEU A 275 -5.92 -0.35 7.21
C LEU A 275 -5.23 0.99 6.96
N ALA A 276 -5.98 2.08 6.92
CA ALA A 276 -5.37 3.38 6.74
C ALA A 276 -6.15 4.46 7.45
N TYR A 277 -5.45 5.48 7.90
CA TYR A 277 -6.04 6.60 8.61
C TYR A 277 -6.32 7.76 7.64
N ARG A 278 -7.52 8.28 7.65
CA ARG A 278 -7.79 9.54 6.96
C ARG A 278 -7.38 10.73 7.81
N THR A 279 -7.59 10.62 9.14
CA THR A 279 -7.25 11.63 10.12
C THR A 279 -6.72 10.86 11.32
N PRO A 280 -6.25 11.54 12.36
CA PRO A 280 -5.76 10.78 13.52
C PRO A 280 -6.82 9.89 14.16
N ASN A 281 -8.11 10.25 14.10
CA ASN A 281 -9.14 9.43 14.75
C ASN A 281 -9.99 8.59 13.79
N GLU A 282 -9.97 8.89 12.49
CA GLU A 282 -10.82 8.19 11.54
C GLU A 282 -10.00 7.18 10.75
N VAL A 283 -10.33 5.92 10.93
CA VAL A 283 -9.59 4.79 10.38
C VAL A 283 -10.50 4.01 9.48
N TRP A 284 -9.97 3.56 8.33
CA TRP A 284 -10.68 2.71 7.39
C TRP A 284 -9.99 1.36 7.32
N LEU A 285 -10.80 0.31 7.15
CA LEU A 285 -10.35 -1.06 7.15
C LEU A 285 -11.03 -1.75 5.99
N ALA A 286 -10.22 -2.21 5.04
CA ALA A 286 -10.69 -2.78 3.79
C ALA A 286 -10.40 -4.27 3.75
N GLY A 287 -11.33 -5.04 3.21
CA GLY A 287 -11.12 -6.46 3.13
C GLY A 287 -11.80 -7.11 1.96
N GLY A 288 -11.95 -8.40 2.09
CA GLY A 288 -12.47 -9.17 0.99
C GLY A 288 -13.94 -8.97 0.78
N ALA A 289 -14.36 -9.24 -0.46
CA ALA A 289 -15.78 -9.38 -0.80
C ALA A 289 -16.61 -8.16 -0.34
N GLY A 290 -16.12 -6.97 -0.70
CA GLY A 290 -16.90 -5.78 -0.44
C GLY A 290 -16.83 -5.25 0.98
N ALA A 291 -15.99 -5.82 1.85
CA ALA A 291 -15.92 -5.39 3.23
C ALA A 291 -15.15 -4.08 3.37
N LEU A 292 -15.79 -3.08 3.97
CA LEU A 292 -15.16 -1.80 4.21
C LEU A 292 -15.76 -1.22 5.47
N LEU A 293 -14.93 -0.96 6.47
CA LEU A 293 -15.36 -0.48 7.77
C LEU A 293 -14.64 0.81 8.10
N CYS A 294 -15.29 1.60 8.97
CA CYS A 294 -14.75 2.84 9.46
C CYS A 294 -14.87 2.91 10.97
N SER A 295 -13.80 3.35 11.60
CA SER A 295 -13.82 3.69 13.02
C SER A 295 -13.59 5.19 13.16
N GLN A 296 -14.37 5.82 14.02
CA GLN A 296 -14.24 7.25 14.28
C GLN A 296 -13.62 7.50 15.64
N ASP A 297 -13.16 6.46 16.31
CA ASP A 297 -12.56 6.55 17.63
C ASP A 297 -11.19 5.89 17.64
N GLY A 298 -10.48 5.96 16.51
CA GLY A 298 -9.10 5.50 16.48
C GLY A 298 -8.95 3.99 16.40
N GLY A 299 -9.99 3.26 16.03
CA GLY A 299 -9.86 1.83 15.84
C GLY A 299 -10.52 1.01 16.91
N GLN A 300 -11.10 1.65 17.94
CA GLN A 300 -11.71 0.89 19.02
C GLN A 300 -13.02 0.25 18.59
N THR A 301 -13.89 1.00 17.92
CA THR A 301 -15.17 0.48 17.48
C THR A 301 -15.38 0.84 16.03
N TRP A 302 -16.15 0.00 15.38
CA TRP A 302 -16.24 0.03 13.93
C TRP A 302 -17.69 0.00 13.49
N GLN A 303 -17.91 0.61 12.35
CA GLN A 303 -19.17 0.58 11.67
C GLN A 303 -18.89 0.18 10.23
N GLN A 304 -19.87 -0.42 9.60
CA GLN A 304 -19.68 -0.94 8.26
C GLN A 304 -20.24 0.02 7.21
N ASP A 305 -19.50 0.22 6.11
CA ASP A 305 -20.02 0.94 4.95
C ASP A 305 -20.79 -0.06 4.11
N VAL A 306 -22.11 -0.08 4.32
CA VAL A 306 -22.88 -1.15 3.71
C VAL A 306 -23.08 -0.93 2.22
N ASP A 307 -22.99 0.32 1.73
CA ASP A 307 -23.24 0.56 0.32
C ASP A 307 -22.25 -0.15 -0.54
N VAL A 308 -21.01 -0.26 -0.08
CA VAL A 308 -20.02 -0.84 -0.96
C VAL A 308 -20.02 -2.35 -0.93
N LYS A 309 -20.86 -2.96 -0.06
CA LYS A 309 -20.98 -4.42 -0.09
C LYS A 309 -21.47 -4.89 -1.45
N LYS A 310 -22.12 -4.03 -2.21
CA LYS A 310 -22.62 -4.38 -3.52
C LYS A 310 -21.51 -4.42 -4.58
N VAL A 311 -20.30 -3.97 -4.28
CA VAL A 311 -19.23 -3.89 -5.29
C VAL A 311 -18.54 -5.25 -5.36
N PRO A 312 -18.50 -5.91 -6.54
CA PRO A 312 -17.92 -7.29 -6.60
C PRO A 312 -16.41 -7.28 -6.62
N SER A 313 -15.80 -6.98 -5.47
CA SER A 313 -14.36 -6.86 -5.43
C SER A 313 -13.88 -7.01 -3.99
N ASN A 314 -12.68 -7.61 -3.85
CA ASN A 314 -11.88 -7.41 -2.67
C ASN A 314 -11.31 -5.99 -2.70
N PHE A 315 -11.10 -5.41 -1.54
CA PHE A 315 -10.54 -4.07 -1.42
C PHE A 315 -9.17 -4.21 -0.78
N TYR A 316 -8.12 -4.10 -1.59
CA TYR A 316 -6.74 -4.52 -1.27
CA TYR A 316 -6.86 -4.56 -1.06
C TYR A 316 -5.91 -3.45 -0.61
N LYS A 317 -6.14 -2.19 -0.95
CA LYS A 317 -5.24 -1.15 -0.51
CA LYS A 317 -5.21 -1.12 -0.59
C LYS A 317 -6.01 0.15 -0.41
N ILE A 318 -5.74 0.87 0.66
CA ILE A 318 -6.34 2.18 0.90
C ILE A 318 -5.23 3.22 0.85
N LEU A 319 -5.38 4.25 0.04
CA LEU A 319 -4.37 5.30 -0.11
C LEU A 319 -5.04 6.64 0.15
N PHE A 320 -4.69 7.30 1.23
CA PHE A 320 -5.13 8.67 1.48
C PHE A 320 -3.99 9.61 1.13
N PHE A 321 -4.27 10.59 0.32
CA PHE A 321 -3.32 11.62 -0.02
C PHE A 321 -3.48 12.89 0.82
N SER A 322 -4.66 13.07 1.34
CA SER A 322 -4.95 14.14 2.29
C SER A 322 -6.28 13.77 2.92
N PRO A 323 -6.79 14.54 3.89
CA PRO A 323 -8.10 14.21 4.45
C PRO A 323 -9.25 14.31 3.49
N ASP A 324 -9.13 14.92 2.31
N ASP A 324 -9.04 14.90 2.32
CA ASP A 324 -10.26 14.86 1.41
CA ASP A 324 -10.08 15.09 1.32
C ASP A 324 -9.88 14.27 0.05
C ASP A 324 -9.87 14.29 0.05
N GLN A 325 -8.81 13.47 -0.02
CA GLN A 325 -8.49 12.81 -1.27
C GLN A 325 -7.95 11.42 -0.95
N GLY A 326 -8.61 10.40 -1.47
CA GLY A 326 -8.21 9.03 -1.17
C GLY A 326 -8.85 8.06 -2.12
N PHE A 327 -8.23 6.88 -2.18
CA PHE A 327 -8.61 5.86 -3.13
C PHE A 327 -8.47 4.50 -2.48
N ILE A 328 -9.33 3.59 -2.91
CA ILE A 328 -9.21 2.18 -2.52
C ILE A 328 -9.08 1.38 -3.81
N LEU A 329 -8.08 0.53 -3.85
CA LEU A 329 -7.81 -0.34 -5.00
C LEU A 329 -8.59 -1.66 -4.87
N GLY A 330 -9.45 -1.91 -5.83
CA GLY A 330 -10.18 -3.14 -5.97
C GLY A 330 -9.54 -4.04 -7.01
N GLN A 331 -10.31 -5.01 -7.50
CA GLN A 331 -9.86 -5.93 -8.53
C GLN A 331 -10.36 -5.47 -9.88
N LYS A 332 -9.69 -5.90 -10.93
CA LYS A 332 -10.26 -5.79 -12.27
C LYS A 332 -10.57 -4.35 -12.64
N GLY A 333 -9.69 -3.43 -12.27
CA GLY A 333 -9.87 -2.05 -12.64
C GLY A 333 -10.83 -1.24 -11.79
N ILE A 334 -11.35 -1.82 -10.72
CA ILE A 334 -12.25 -1.09 -9.83
C ILE A 334 -11.42 -0.23 -8.87
N LEU A 335 -11.85 1.02 -8.75
CA LEU A 335 -11.34 1.99 -7.82
CA LEU A 335 -11.34 1.92 -7.71
C LEU A 335 -12.50 2.51 -6.97
N LEU A 336 -12.29 2.78 -5.69
CA LEU A 336 -13.21 3.68 -4.98
C LEU A 336 -12.50 4.99 -4.77
N ARG A 337 -13.22 6.10 -4.89
CA ARG A 337 -12.68 7.46 -4.73
C ARG A 337 -13.43 8.15 -3.59
N TYR A 338 -12.68 8.77 -2.70
CA TYR A 338 -13.25 9.46 -1.53
C TYR A 338 -13.87 10.79 -1.96
N VAL A 339 -15.11 11.02 -1.57
CA VAL A 339 -15.86 12.24 -1.88
C VAL A 339 -16.36 12.82 -0.56
N THR A 340 -15.82 13.96 -0.17
CA THR A 340 -16.25 14.61 1.07
C THR A 340 -17.74 14.88 1.05
N ASP A 341 -18.40 14.65 2.19
CA ASP A 341 -19.82 15.00 2.38
C ASP A 341 -19.99 16.52 2.36
N PHE B 5 17.91 6.86 -23.74
CA PHE B 5 16.96 7.67 -24.50
C PHE B 5 15.53 7.41 -24.03
N PRO B 6 14.71 8.46 -23.96
CA PRO B 6 13.36 8.29 -23.38
C PRO B 6 12.47 7.34 -24.16
N LEU B 7 11.53 6.75 -23.44
CA LEU B 7 10.63 5.77 -24.03
C LEU B 7 9.51 6.43 -24.86
N ASP B 8 9.09 5.71 -25.89
CA ASP B 8 7.91 6.12 -26.65
C ASP B 8 6.62 5.68 -25.95
N LEU B 9 5.54 6.43 -26.20
CA LEU B 9 4.16 5.98 -25.94
C LEU B 9 3.63 5.22 -27.15
N ALA B 10 2.86 4.18 -26.88
CA ALA B 10 2.18 3.46 -27.97
C ALA B 10 1.24 4.39 -28.71
#